data_8SH1
#
_entry.id   8SH1
#
_cell.length_a   58.470
_cell.length_b   170.620
_cell.length_c   173.960
_cell.angle_alpha   90.000
_cell.angle_beta   90.000
_cell.angle_gamma   90.000
#
_symmetry.space_group_name_H-M   'I 2 2 2'
#
loop_
_entity.id
_entity.type
_entity.pdbx_description
1 polymer 'Protection of telomeres protein 1'
2 polymer "DNA (5'-D(*CP*GP*CP*GP*CP*GP*TP*TP*AP*GP*GP*GP*TP*TP*AP*GP*GP*GP*TP*TP*AP*G)-3')"
3 polymer "DNA (5'-D(P*CP*TP*AP*AP*CP*GP*CP*GP*CP*G)-3')"
4 water water
#
loop_
_entity_poly.entity_id
_entity_poly.type
_entity_poly.pdbx_seq_one_letter_code
_entity_poly.pdbx_strand_id
1 'polypeptide(L)'
;SMSLVPATNYIYTPLNQLKGGTIVNVYGVVKFFKPPYLSKGTDYCSVVTIVDQTNVKLTCLLFSGNYEALPIIYKNGDIV
RFHRLKIQVYKKETQGITSSGFASLTFEGTLGAPIIPRTSSKYFNFTTEDHKMVEALRVWASTHMSPSWTLLKLCDVQPM
QYFDLTCQLLGKAEVDGASFLLKVWDGTRTPFPSWRVLIQDLVLEGDLSHIHRLQNLTIDILVYDNHVHVARSLKVGSFL
RIYSLHTKLQSMNSENQTMLSLEFHLHGGTSYGRGIRVLPESNSDVDQLKKDLESANLTA
;
A
2 'polydeoxyribonucleotide'
;(DC)(DG)(DC)(DG)(DC)(DG)(DT)(DT)(DA)(DG)(DG)(DG)(DT)(DT)(DA)(DG)(DG)(DG)(DT)(DT)
(DA)(DG)
;
B
3 'polydeoxyribonucleotide' (DC)(DT)(DA)(DA)(DC)(DG)(DC)(DG)(DC)(DG) C
#
loop_
_chem_comp.id
_chem_comp.type
_chem_comp.name
_chem_comp.formula
DA DNA linking 2'-DEOXYADENOSINE-5'-MONOPHOSPHATE 'C10 H14 N5 O6 P'
DC DNA linking 2'-DEOXYCYTIDINE-5'-MONOPHOSPHATE 'C9 H14 N3 O7 P'
DG DNA linking 2'-DEOXYGUANOSINE-5'-MONOPHOSPHATE 'C10 H14 N5 O7 P'
DT DNA linking THYMIDINE-5'-MONOPHOSPHATE 'C10 H15 N2 O8 P'
#
# COMPACT_ATOMS: atom_id res chain seq x y z
N ALA A 7 -0.26 35.85 -0.40
CA ALA A 7 1.09 35.85 0.15
C ALA A 7 1.99 34.87 -0.59
N THR A 8 2.08 33.65 -0.09
CA THR A 8 2.95 32.65 -0.67
C THR A 8 2.31 32.06 -1.94
N ASN A 9 3.05 32.13 -3.04
CA ASN A 9 2.61 31.59 -4.33
C ASN A 9 3.64 30.57 -4.79
N TYR A 10 3.40 29.30 -4.49
CA TYR A 10 4.31 28.24 -4.90
C TYR A 10 4.28 28.05 -6.42
N ILE A 11 5.46 27.82 -6.99
CA ILE A 11 5.59 27.54 -8.42
C ILE A 11 5.79 26.04 -8.60
N TYR A 12 5.08 25.46 -9.55
CA TYR A 12 5.12 24.03 -9.81
C TYR A 12 5.74 23.78 -11.17
N THR A 13 6.84 23.04 -11.18
CA THR A 13 7.58 22.77 -12.40
C THR A 13 7.04 21.52 -13.09
N PRO A 14 6.69 21.61 -14.38
CA PRO A 14 6.33 20.39 -15.11
C PRO A 14 7.50 19.41 -15.13
N LEU A 15 7.16 18.12 -15.13
CA LEU A 15 8.18 17.07 -15.02
C LEU A 15 9.12 17.03 -16.20
N ASN A 16 8.70 17.49 -17.38
CA ASN A 16 9.59 17.53 -18.53
C ASN A 16 10.52 18.73 -18.54
N GLN A 17 10.37 19.65 -17.58
CA GLN A 17 11.23 20.83 -17.47
C GLN A 17 12.16 20.74 -16.28
N LEU A 18 12.26 19.58 -15.62
CA LEU A 18 13.07 19.45 -14.43
C LEU A 18 14.55 19.47 -14.79
N LYS A 19 15.33 20.30 -14.09
CA LYS A 19 16.76 20.39 -14.27
C LYS A 19 17.46 19.97 -12.97
N GLY A 20 18.59 19.31 -13.11
CA GLY A 20 19.31 18.82 -11.94
C GLY A 20 19.99 19.94 -11.18
N GLY A 21 20.16 19.72 -9.88
CA GLY A 21 20.79 20.70 -9.02
C GLY A 21 19.88 21.79 -8.52
N THR A 22 18.57 21.62 -8.63
CA THR A 22 17.60 22.62 -8.20
C THR A 22 16.67 21.99 -7.16
N ILE A 23 15.81 22.84 -6.59
CA ILE A 23 14.80 22.40 -5.64
C ILE A 23 13.46 22.91 -6.15
N VAL A 24 12.50 22.00 -6.35
CA VAL A 24 11.26 22.32 -7.02
C VAL A 24 10.07 21.78 -6.22
N ASN A 25 8.88 22.22 -6.62
CA ASN A 25 7.63 21.66 -6.15
C ASN A 25 6.92 21.03 -7.35
N VAL A 26 6.35 19.84 -7.14
CA VAL A 26 5.82 19.08 -8.26
C VAL A 26 4.44 18.52 -7.96
N TYR A 27 3.67 18.30 -9.04
CA TYR A 27 2.44 17.53 -9.03
C TYR A 27 2.65 16.26 -9.84
N GLY A 28 1.89 15.22 -9.50
CA GLY A 28 2.02 14.00 -10.28
C GLY A 28 0.99 12.96 -9.91
N VAL A 29 0.91 11.94 -10.76
CA VAL A 29 0.12 10.75 -10.51
C VAL A 29 1.07 9.61 -10.23
N VAL A 30 0.72 8.76 -9.27
CA VAL A 30 1.59 7.67 -8.83
C VAL A 30 1.45 6.51 -9.82
N LYS A 31 2.52 6.22 -10.54
CA LYS A 31 2.58 5.01 -11.36
C LYS A 31 3.05 3.81 -10.55
N PHE A 32 3.95 4.03 -9.60
CA PHE A 32 4.49 2.98 -8.76
C PHE A 32 4.98 3.62 -7.47
N PHE A 33 4.92 2.85 -6.39
CA PHE A 33 5.44 3.32 -5.12
C PHE A 33 5.80 2.15 -4.23
N LYS A 34 6.89 2.29 -3.48
CA LYS A 34 7.19 1.41 -2.36
C LYS A 34 6.67 2.03 -1.08
N PRO A 35 5.87 1.31 -0.30
CA PRO A 35 5.42 1.82 1.01
C PRO A 35 6.61 2.01 1.93
N PRO A 36 6.52 2.93 2.92
CA PRO A 36 7.69 3.21 3.75
C PRO A 36 8.24 1.95 4.42
N TYR A 37 9.55 1.74 4.27
CA TYR A 37 10.22 0.61 4.89
C TYR A 37 11.52 1.06 5.51
N LEU A 38 11.93 0.35 6.57
CA LEU A 38 13.19 0.64 7.23
C LEU A 38 14.35 0.38 6.28
N SER A 39 15.12 1.42 5.99
CA SER A 39 16.31 1.28 5.16
C SER A 39 17.46 0.81 6.04
N LYS A 40 18.65 0.69 5.45
CA LYS A 40 19.85 0.35 6.22
C LYS A 40 20.44 1.55 6.94
N GLY A 41 19.88 2.74 6.73
CA GLY A 41 20.25 3.92 7.48
C GLY A 41 19.38 4.08 8.71
N THR A 42 19.19 5.34 9.11
CA THR A 42 18.40 5.68 10.29
C THR A 42 16.95 6.04 9.96
N ASP A 43 16.62 6.24 8.68
CA ASP A 43 15.32 6.77 8.30
C ASP A 43 14.50 5.75 7.53
N TYR A 44 13.18 5.88 7.64
CA TYR A 44 12.28 5.19 6.72
C TYR A 44 12.51 5.71 5.31
N CYS A 45 12.44 4.80 4.33
CA CYS A 45 12.60 5.12 2.93
C CYS A 45 11.32 4.82 2.16
N SER A 46 11.06 5.62 1.14
CA SER A 46 9.91 5.42 0.26
C SER A 46 10.30 5.83 -1.15
N VAL A 47 10.04 4.95 -2.11
CA VAL A 47 10.31 5.19 -3.52
C VAL A 47 8.98 5.40 -4.21
N VAL A 48 8.87 6.48 -4.99
CA VAL A 48 7.61 6.86 -5.63
C VAL A 48 7.89 7.34 -7.04
N THR A 49 7.38 6.62 -8.04
CA THR A 49 7.47 7.07 -9.43
C THR A 49 6.18 7.79 -9.81
N ILE A 50 6.31 9.02 -10.31
CA ILE A 50 5.17 9.86 -10.66
C ILE A 50 5.28 10.31 -12.11
N VAL A 51 4.13 10.67 -12.67
CA VAL A 51 4.03 11.12 -14.06
C VAL A 51 3.00 12.23 -14.15
N ASP A 52 3.19 13.15 -15.10
CA ASP A 52 2.22 14.22 -15.31
C ASP A 52 1.77 14.24 -16.76
N GLN A 53 1.13 15.35 -17.17
CA GLN A 53 0.56 15.46 -18.52
C GLN A 53 1.62 15.35 -19.62
N THR A 54 2.88 15.65 -19.30
CA THR A 54 3.94 15.60 -20.29
C THR A 54 4.43 14.18 -20.58
N ASN A 55 3.83 13.16 -19.96
CA ASN A 55 4.20 11.75 -20.11
C ASN A 55 5.64 11.46 -19.68
N VAL A 56 6.32 12.41 -19.06
CA VAL A 56 7.66 12.20 -18.52
C VAL A 56 7.52 11.68 -17.09
N LYS A 57 8.29 10.65 -16.77
CA LYS A 57 8.25 10.04 -15.44
C LYS A 57 9.41 10.55 -14.59
N LEU A 58 9.18 10.61 -13.28
CA LEU A 58 10.21 10.99 -12.32
C LEU A 58 10.15 10.05 -11.14
N THR A 59 11.29 9.46 -10.80
CA THR A 59 11.43 8.59 -9.64
C THR A 59 11.94 9.41 -8.46
N CYS A 60 11.20 9.42 -7.37
CA CYS A 60 11.53 10.18 -6.17
C CYS A 60 11.91 9.22 -5.06
N LEU A 61 12.89 9.63 -4.27
CA LEU A 61 13.55 8.79 -3.28
C LEU A 61 13.51 9.57 -1.97
N LEU A 62 12.62 9.18 -1.06
CA LEU A 62 12.26 10.01 0.08
C LEU A 62 12.65 9.32 1.38
N PHE A 63 13.22 10.09 2.30
CA PHE A 63 13.68 9.57 3.59
C PHE A 63 13.15 10.42 4.72
N SER A 64 12.74 9.76 5.81
CA SER A 64 12.26 10.49 6.98
C SER A 64 12.24 9.55 8.18
N GLY A 65 12.64 10.08 9.34
CA GLY A 65 12.54 9.32 10.58
C GLY A 65 11.12 9.13 11.06
N ASN A 66 10.18 9.93 10.58
CA ASN A 66 8.77 9.80 10.90
C ASN A 66 8.08 9.03 9.79
N TYR A 67 7.40 7.94 10.17
CA TYR A 67 6.74 7.09 9.18
C TYR A 67 5.64 7.86 8.45
N GLU A 68 4.87 8.67 9.17
CA GLU A 68 3.76 9.40 8.58
C GLU A 68 4.22 10.66 7.84
N ALA A 69 5.47 11.07 7.99
CA ALA A 69 5.94 12.24 7.25
C ALA A 69 6.11 11.94 5.77
N LEU A 70 6.41 10.68 5.43
CA LEU A 70 6.51 10.29 4.03
C LEU A 70 5.14 10.32 3.38
N PRO A 71 5.10 10.48 2.05
CA PRO A 71 3.81 10.60 1.36
C PRO A 71 2.87 9.46 1.67
N ILE A 72 1.62 9.81 1.99
CA ILE A 72 0.59 8.84 2.38
C ILE A 72 -0.03 8.34 1.09
N ILE A 73 0.54 7.26 0.54
CA ILE A 73 0.10 6.68 -0.72
C ILE A 73 -0.50 5.31 -0.43
N TYR A 74 -1.68 5.06 -0.99
CA TYR A 74 -2.40 3.81 -0.73
C TYR A 74 -2.56 2.91 -1.95
N LYS A 75 -2.47 3.46 -3.17
CA LYS A 75 -2.64 2.66 -4.37
C LYS A 75 -2.16 3.47 -5.57
N ASN A 76 -1.81 2.77 -6.65
CA ASN A 76 -1.47 3.44 -7.89
C ASN A 76 -2.68 4.24 -8.39
N GLY A 77 -2.38 5.37 -9.05
CA GLY A 77 -3.41 6.28 -9.48
C GLY A 77 -3.68 7.42 -8.52
N ASP A 78 -3.17 7.34 -7.29
CA ASP A 78 -3.27 8.46 -6.37
C ASP A 78 -2.53 9.67 -6.92
N ILE A 79 -2.96 10.86 -6.48
CA ILE A 79 -2.33 12.11 -6.88
C ILE A 79 -1.42 12.57 -5.75
N VAL A 80 -0.26 13.11 -6.09
CA VAL A 80 0.68 13.59 -5.09
C VAL A 80 1.14 15.01 -5.46
N ARG A 81 1.41 15.80 -4.42
CA ARG A 81 2.03 17.10 -4.54
C ARG A 81 3.20 17.15 -3.57
N PHE A 82 4.39 17.47 -4.08
CA PHE A 82 5.59 17.54 -3.28
C PHE A 82 6.11 18.97 -3.22
N HIS A 83 6.54 19.39 -2.03
CA HIS A 83 7.14 20.70 -1.80
C HIS A 83 8.57 20.52 -1.31
N ARG A 84 9.49 21.28 -1.90
CA ARG A 84 10.91 21.26 -1.58
C ARG A 84 11.51 19.86 -1.83
N LEU A 85 11.45 19.46 -3.09
CA LEU A 85 12.06 18.22 -3.56
C LEU A 85 13.32 18.57 -4.36
N LYS A 86 14.45 17.95 -4.00
CA LYS A 86 15.71 18.24 -4.68
C LYS A 86 15.86 17.35 -5.91
N ILE A 87 16.17 17.97 -7.05
CA ILE A 87 16.39 17.24 -8.30
C ILE A 87 17.90 17.10 -8.49
N GLN A 88 18.36 15.86 -8.67
CA GLN A 88 19.77 15.59 -8.89
C GLN A 88 19.90 14.54 -9.98
N VAL A 89 21.13 14.22 -10.34
CA VAL A 89 21.43 13.21 -11.35
C VAL A 89 22.21 12.09 -10.68
N TYR A 90 21.66 10.89 -10.72
CA TYR A 90 22.33 9.69 -10.22
C TYR A 90 22.37 8.67 -11.34
N LYS A 91 23.56 8.12 -11.57
CA LYS A 91 23.82 7.15 -12.65
C LYS A 91 23.14 7.60 -13.93
N LYS A 92 23.59 8.76 -14.43
CA LYS A 92 23.11 9.38 -15.67
C LYS A 92 21.58 9.38 -15.77
N GLU A 93 20.89 9.51 -14.64
CA GLU A 93 19.44 9.55 -14.66
C GLU A 93 18.92 10.60 -13.68
N THR A 94 17.87 11.32 -14.09
CA THR A 94 17.23 12.30 -13.22
C THR A 94 16.58 11.60 -12.03
N GLN A 95 16.69 12.22 -10.85
CA GLN A 95 16.22 11.61 -9.62
C GLN A 95 15.74 12.69 -8.67
N GLY A 96 14.62 12.41 -8.00
CA GLY A 96 14.10 13.28 -6.95
C GLY A 96 14.46 12.73 -5.58
N ILE A 97 14.81 13.63 -4.67
CA ILE A 97 15.26 13.24 -3.34
C ILE A 97 14.76 14.23 -2.30
N THR A 98 14.74 13.78 -1.06
CA THR A 98 14.27 14.61 0.06
C THR A 98 15.21 15.77 0.31
N SER A 99 14.64 16.97 0.39
CA SER A 99 15.36 18.16 0.78
C SER A 99 14.90 18.60 2.16
N SER A 100 15.56 19.63 2.69
CA SER A 100 15.21 20.16 4.01
C SER A 100 13.84 20.82 3.98
N GLY A 101 12.93 20.34 4.81
CA GLY A 101 11.59 20.87 4.85
C GLY A 101 10.64 20.28 3.83
N PHE A 102 10.94 19.09 3.32
CA PHE A 102 10.08 18.44 2.34
C PHE A 102 8.67 18.25 2.88
N ALA A 103 7.68 18.57 2.05
CA ALA A 103 6.27 18.45 2.43
C ALA A 103 5.53 17.66 1.37
N SER A 104 4.47 16.98 1.79
CA SER A 104 3.73 16.08 0.90
C SER A 104 2.23 16.19 1.12
N LEU A 105 1.48 16.25 0.02
CA LEU A 105 0.03 16.08 0.04
C LEU A 105 -0.34 14.96 -0.92
N THR A 106 -1.33 14.16 -0.54
CA THR A 106 -1.82 13.09 -1.40
C THR A 106 -3.33 13.17 -1.49
N PHE A 107 -3.86 12.63 -2.58
CA PHE A 107 -5.28 12.72 -2.89
C PHE A 107 -5.71 11.45 -3.61
N GLU A 108 -6.99 11.10 -3.45
CA GLU A 108 -7.58 10.01 -4.22
C GLU A 108 -7.62 10.37 -5.69
N GLY A 109 -7.36 9.37 -6.54
CA GLY A 109 -7.37 9.57 -7.97
C GLY A 109 -8.70 9.39 -8.66
N THR A 110 -9.68 8.81 -7.96
CA THR A 110 -10.97 8.54 -8.57
C THR A 110 -11.69 9.85 -8.89
N LEU A 111 -12.33 9.88 -10.06
CA LEU A 111 -13.04 11.08 -10.49
C LEU A 111 -14.26 11.34 -9.62
N GLY A 112 -14.60 12.63 -9.47
CA GLY A 112 -15.76 13.03 -8.71
C GLY A 112 -15.62 12.93 -7.21
N ALA A 113 -14.64 12.21 -6.71
CA ALA A 113 -14.47 12.07 -5.27
C ALA A 113 -14.04 13.41 -4.66
N PRO A 114 -14.37 13.65 -3.39
CA PRO A 114 -13.93 14.88 -2.73
C PRO A 114 -12.41 14.96 -2.68
N ILE A 115 -11.89 16.16 -2.90
CA ILE A 115 -10.46 16.43 -2.86
C ILE A 115 -10.10 16.69 -1.41
N ILE A 116 -9.56 15.67 -0.74
CA ILE A 116 -9.22 15.77 0.67
C ILE A 116 -7.72 15.53 0.85
N PRO A 117 -6.95 16.53 1.27
CA PRO A 117 -5.50 16.34 1.42
C PRO A 117 -5.19 15.37 2.56
N ARG A 118 -4.32 14.41 2.28
CA ARG A 118 -3.84 13.46 3.27
C ARG A 118 -2.37 13.79 3.53
N THR A 119 -2.06 14.16 4.77
CA THR A 119 -0.72 14.60 5.11
C THR A 119 -0.54 14.54 6.62
N SER A 120 0.73 14.57 7.04
CA SER A 120 1.09 14.70 8.44
C SER A 120 1.43 16.14 8.83
N SER A 121 1.55 17.04 7.85
CA SER A 121 1.91 18.42 8.15
C SER A 121 0.80 19.10 8.95
N LYS A 122 1.20 19.82 10.00
CA LYS A 122 0.23 20.56 10.80
C LYS A 122 -0.49 21.61 9.97
N TYR A 123 0.26 22.39 9.20
CA TYR A 123 -0.29 23.40 8.31
C TYR A 123 0.28 23.20 6.92
N PHE A 124 -0.48 23.62 5.92
CA PHE A 124 -0.02 23.53 4.53
C PHE A 124 -0.75 24.56 3.70
N ASN A 125 -0.13 24.92 2.57
CA ASN A 125 -0.69 25.89 1.64
C ASN A 125 -1.56 25.16 0.62
N PHE A 126 -2.77 25.68 0.40
CA PHE A 126 -3.69 25.06 -0.54
C PHE A 126 -4.64 26.13 -1.07
N THR A 127 -4.60 26.35 -2.38
CA THR A 127 -5.42 27.35 -3.05
C THR A 127 -6.44 26.65 -3.95
N THR A 128 -7.26 27.47 -4.62
CA THR A 128 -8.20 26.93 -5.59
C THR A 128 -7.47 26.38 -6.82
N GLU A 129 -6.33 26.96 -7.17
CA GLU A 129 -5.55 26.45 -8.29
C GLU A 129 -5.06 25.04 -8.02
N ASP A 130 -4.70 24.73 -6.77
CA ASP A 130 -4.36 23.37 -6.40
C ASP A 130 -5.54 22.43 -6.62
N HIS A 131 -6.74 22.87 -6.25
CA HIS A 131 -7.96 22.11 -6.50
C HIS A 131 -8.12 21.81 -7.98
N LYS A 132 -7.98 22.83 -8.82
CA LYS A 132 -8.15 22.64 -10.26
C LYS A 132 -7.07 21.74 -10.84
N MET A 133 -5.83 21.84 -10.35
CA MET A 133 -4.76 21.00 -10.85
C MET A 133 -5.00 19.54 -10.47
N VAL A 134 -5.50 19.29 -9.26
CA VAL A 134 -5.82 17.92 -8.87
C VAL A 134 -6.94 17.37 -9.74
N GLU A 135 -7.95 18.20 -10.03
CA GLU A 135 -9.02 17.76 -10.93
C GLU A 135 -8.46 17.40 -12.30
N ALA A 136 -7.60 18.25 -12.85
CA ALA A 136 -7.04 18.01 -14.18
C ALA A 136 -6.19 16.74 -14.19
N LEU A 137 -5.40 16.53 -13.14
CA LEU A 137 -4.59 15.31 -13.07
C LEU A 137 -5.48 14.08 -12.95
N ARG A 138 -6.58 14.18 -12.21
CA ARG A 138 -7.53 13.07 -12.13
C ARG A 138 -8.07 12.71 -13.51
N VAL A 139 -8.50 13.72 -14.27
CA VAL A 139 -9.06 13.47 -15.60
C VAL A 139 -7.99 12.88 -16.52
N TRP A 140 -6.77 13.43 -16.46
CA TRP A 140 -5.71 12.93 -17.30
C TRP A 140 -5.37 11.49 -16.98
N ALA A 141 -5.34 11.13 -15.68
CA ALA A 141 -5.06 9.76 -15.29
C ALA A 141 -6.19 8.82 -15.68
N SER A 142 -7.43 9.31 -15.68
CA SER A 142 -8.54 8.49 -16.14
C SER A 142 -8.43 8.20 -17.63
N THR A 143 -8.00 9.19 -18.42
CA THR A 143 -7.96 9.01 -19.87
C THR A 143 -6.61 8.51 -20.40
N HIS A 144 -5.60 8.38 -19.55
CA HIS A 144 -4.29 7.94 -20.01
C HIS A 144 -3.68 6.79 -19.22
N MET A 145 -4.24 6.44 -18.07
CA MET A 145 -3.78 5.30 -17.28
C MET A 145 -4.91 4.27 -17.20
N SER A 146 -4.61 3.15 -16.57
CA SER A 146 -5.59 2.08 -16.44
C SER A 146 -5.85 1.77 -14.97
N PRO A 147 -7.07 1.39 -14.63
CA PRO A 147 -7.34 0.99 -13.24
C PRO A 147 -6.58 -0.28 -12.89
N SER A 148 -6.11 -0.35 -11.64
CA SER A 148 -5.23 -1.43 -11.23
C SER A 148 -5.99 -2.75 -11.23
N TRP A 149 -5.48 -3.71 -11.99
CA TRP A 149 -6.04 -5.06 -11.97
C TRP A 149 -5.49 -5.89 -10.81
N THR A 150 -4.54 -5.35 -10.04
CA THR A 150 -3.93 -6.08 -8.94
C THR A 150 -4.75 -6.07 -7.66
N LEU A 151 -5.84 -5.29 -7.61
CA LEU A 151 -6.71 -5.23 -6.44
C LEU A 151 -7.86 -6.23 -6.65
N LEU A 152 -7.72 -7.40 -6.05
CA LEU A 152 -8.69 -8.49 -6.18
C LEU A 152 -9.25 -8.87 -4.83
N LYS A 153 -10.53 -9.22 -4.81
CA LYS A 153 -11.11 -9.86 -3.64
C LYS A 153 -10.70 -11.33 -3.62
N LEU A 154 -10.79 -11.93 -2.42
CA LEU A 154 -10.28 -13.29 -2.23
C LEU A 154 -10.99 -14.30 -3.13
N CYS A 155 -12.27 -14.06 -3.44
CA CYS A 155 -13.01 -14.99 -4.29
C CYS A 155 -12.59 -14.94 -5.75
N ASP A 156 -11.75 -13.98 -6.14
CA ASP A 156 -11.32 -13.83 -7.52
C ASP A 156 -9.89 -14.28 -7.76
N VAL A 157 -9.13 -14.62 -6.71
CA VAL A 157 -7.72 -14.94 -6.87
C VAL A 157 -7.55 -16.26 -7.61
N GLN A 158 -6.38 -16.43 -8.20
CA GLN A 158 -5.95 -17.64 -8.86
C GLN A 158 -4.57 -18.03 -8.35
N PRO A 159 -4.23 -19.32 -8.37
CA PRO A 159 -2.91 -19.73 -7.88
C PRO A 159 -1.78 -19.23 -8.78
N MET A 160 -0.59 -19.18 -8.17
CA MET A 160 0.63 -18.70 -8.84
C MET A 160 0.43 -17.27 -9.36
N GLN A 161 0.09 -16.36 -8.46
CA GLN A 161 -0.34 -15.04 -8.88
C GLN A 161 0.01 -13.99 -7.84
N TYR A 162 0.47 -12.83 -8.31
CA TYR A 162 0.73 -11.68 -7.44
C TYR A 162 -0.44 -10.70 -7.51
N PHE A 163 -0.89 -10.25 -6.35
CA PHE A 163 -2.06 -9.36 -6.29
C PHE A 163 -2.03 -8.54 -5.01
N ASP A 164 -2.78 -7.45 -5.01
CA ASP A 164 -2.91 -6.57 -3.86
C ASP A 164 -4.23 -6.80 -3.16
N LEU A 165 -4.18 -6.90 -1.84
CA LEU A 165 -5.34 -7.29 -1.04
C LEU A 165 -5.73 -6.16 -0.08
N THR A 166 -7.00 -5.77 -0.14
CA THR A 166 -7.60 -4.88 0.86
C THR A 166 -8.43 -5.73 1.81
N CYS A 167 -8.04 -5.77 3.07
CA CYS A 167 -8.62 -6.73 4.00
C CYS A 167 -8.68 -6.13 5.39
N GLN A 168 -9.18 -6.93 6.33
CA GLN A 168 -9.17 -6.62 7.76
C GLN A 168 -8.42 -7.72 8.49
N LEU A 169 -7.57 -7.29 9.42
CA LEU A 169 -6.75 -8.20 10.19
C LEU A 169 -7.52 -8.72 11.40
N LEU A 170 -7.40 -10.02 11.66
CA LEU A 170 -8.07 -10.67 12.77
C LEU A 170 -7.11 -11.31 13.77
N GLY A 171 -5.89 -11.63 13.37
CA GLY A 171 -4.95 -12.29 14.27
C GLY A 171 -3.52 -12.10 13.87
N LYS A 172 -2.63 -12.26 14.84
CA LYS A 172 -1.19 -12.22 14.63
C LYS A 172 -0.57 -13.37 15.42
N ALA A 173 0.61 -13.80 14.99
CA ALA A 173 1.30 -14.86 15.70
C ALA A 173 2.76 -14.91 15.26
N GLU A 174 3.62 -15.25 16.21
CA GLU A 174 5.02 -15.50 15.91
C GLU A 174 5.17 -16.91 15.33
N VAL A 175 6.17 -17.08 14.49
CA VAL A 175 6.42 -18.38 13.85
C VAL A 175 7.83 -18.84 14.14
N ASP A 176 8.80 -18.32 13.39
CA ASP A 176 10.19 -18.74 13.52
C ASP A 176 11.17 -17.58 13.65
N GLY A 177 10.68 -16.35 13.73
CA GLY A 177 11.55 -15.18 13.74
C GLY A 177 11.79 -14.60 12.36
N ALA A 178 12.04 -15.47 11.38
CA ALA A 178 12.18 -15.02 10.00
C ALA A 178 10.86 -14.85 9.28
N SER A 179 9.76 -15.30 9.89
CA SER A 179 8.43 -15.16 9.30
C SER A 179 7.41 -14.87 10.39
N PHE A 180 6.29 -14.30 9.98
CA PHE A 180 5.24 -13.90 10.90
C PHE A 180 3.89 -14.16 10.26
N LEU A 181 2.94 -14.61 11.09
CA LEU A 181 1.62 -15.02 10.60
C LEU A 181 0.59 -13.91 10.81
N LEU A 182 -0.25 -13.72 9.80
CA LEU A 182 -1.36 -12.78 9.85
C LEU A 182 -2.61 -13.47 9.34
N LYS A 183 -3.66 -13.54 10.16
CA LYS A 183 -4.95 -14.00 9.69
C LYS A 183 -5.76 -12.79 9.25
N VAL A 184 -6.26 -12.82 8.02
CA VAL A 184 -7.02 -11.68 7.48
C VAL A 184 -8.27 -12.19 6.76
N TRP A 185 -9.17 -11.25 6.46
CA TRP A 185 -10.36 -11.61 5.71
C TRP A 185 -10.90 -10.38 5.00
N ASP A 186 -11.72 -10.61 3.97
CA ASP A 186 -12.32 -9.50 3.22
C ASP A 186 -13.78 -9.76 2.84
N GLY A 187 -14.44 -10.73 3.48
CA GLY A 187 -15.84 -10.99 3.23
C GLY A 187 -16.12 -12.06 2.18
N THR A 188 -15.14 -12.38 1.34
CA THR A 188 -15.33 -13.36 0.28
C THR A 188 -14.47 -14.59 0.55
N ARG A 189 -14.96 -15.74 0.08
CA ARG A 189 -14.28 -17.02 0.28
C ARG A 189 -13.41 -17.32 -0.92
N THR A 190 -12.18 -17.74 -0.67
CA THR A 190 -11.26 -18.08 -1.75
C THR A 190 -11.79 -19.29 -2.53
N PRO A 191 -11.42 -19.41 -3.81
CA PRO A 191 -11.87 -20.58 -4.59
C PRO A 191 -11.36 -21.90 -4.02
N PHE A 192 -10.20 -21.88 -3.37
CA PHE A 192 -9.67 -23.03 -2.64
C PHE A 192 -9.47 -22.65 -1.18
N PRO A 193 -9.69 -23.58 -0.26
CA PRO A 193 -9.49 -23.27 1.16
C PRO A 193 -8.06 -22.84 1.44
N SER A 194 -7.92 -21.85 2.30
CA SER A 194 -6.61 -21.31 2.63
C SER A 194 -5.77 -22.35 3.36
N TRP A 195 -4.47 -22.30 3.13
CA TRP A 195 -3.55 -23.11 3.92
C TRP A 195 -3.56 -22.64 5.37
N ARG A 196 -3.07 -23.50 6.26
CA ARG A 196 -3.04 -23.21 7.69
C ARG A 196 -1.63 -23.45 8.19
N VAL A 197 -0.91 -22.37 8.50
CA VAL A 197 0.43 -22.48 9.07
C VAL A 197 0.31 -23.02 10.49
N LEU A 198 1.27 -23.85 10.88
CA LEU A 198 1.27 -24.48 12.19
C LEU A 198 2.35 -23.86 13.07
N ILE A 199 2.03 -23.66 14.34
CA ILE A 199 2.97 -23.18 15.33
C ILE A 199 2.78 -24.02 16.59
N GLN A 200 3.89 -24.44 17.19
CA GLN A 200 3.81 -25.24 18.40
C GLN A 200 3.06 -24.52 19.51
N ASP A 201 3.61 -23.41 20.00
CA ASP A 201 2.93 -22.57 20.98
C ASP A 201 2.34 -21.35 20.26
N LEU A 202 1.01 -21.31 20.18
CA LEU A 202 0.35 -20.27 19.42
C LEU A 202 0.45 -18.91 20.12
N VAL A 203 0.72 -17.87 19.34
CA VAL A 203 0.82 -16.52 19.85
C VAL A 203 -0.35 -15.72 19.28
N LEU A 204 -1.53 -16.34 19.27
CA LEU A 204 -2.64 -15.78 18.52
C LEU A 204 -3.24 -14.56 19.21
N GLU A 205 -2.68 -13.39 18.91
CA GLU A 205 -3.24 -12.12 19.37
C GLU A 205 -4.49 -11.83 18.56
N GLY A 206 -5.65 -12.01 19.15
CA GLY A 206 -6.90 -11.78 18.46
C GLY A 206 -8.05 -12.51 19.11
N ASP A 207 -9.25 -12.18 18.66
CA ASP A 207 -10.48 -12.78 19.18
C ASP A 207 -10.60 -14.19 18.63
N LEU A 208 -10.33 -15.18 19.47
CA LEU A 208 -10.27 -16.57 19.00
C LEU A 208 -11.64 -17.05 18.52
N SER A 209 -12.69 -16.76 19.29
CA SER A 209 -14.03 -17.17 18.88
C SER A 209 -14.46 -16.49 17.59
N HIS A 210 -14.17 -15.19 17.46
CA HIS A 210 -14.49 -14.48 16.23
C HIS A 210 -13.68 -15.01 15.06
N ILE A 211 -12.44 -15.45 15.30
CA ILE A 211 -11.63 -16.03 14.24
C ILE A 211 -12.22 -17.35 13.77
N HIS A 212 -12.60 -18.21 14.71
CA HIS A 212 -13.11 -19.53 14.34
C HIS A 212 -14.52 -19.47 13.75
N ARG A 213 -15.34 -18.51 14.19
CA ARG A 213 -16.68 -18.39 13.62
C ARG A 213 -16.60 -18.16 12.11
N LEU A 214 -15.73 -17.25 11.69
CA LEU A 214 -15.40 -17.08 10.27
C LEU A 214 -14.51 -18.26 9.88
N GLN A 215 -15.15 -19.37 9.52
CA GLN A 215 -14.44 -20.63 9.39
C GLN A 215 -13.43 -20.60 8.24
N ASN A 216 -13.89 -20.26 7.03
CA ASN A 216 -13.02 -20.28 5.86
C ASN A 216 -12.92 -18.95 5.15
N LEU A 217 -13.57 -17.90 5.67
CA LEU A 217 -13.33 -16.59 5.12
C LEU A 217 -12.00 -16.00 5.57
N THR A 218 -11.38 -16.59 6.59
CA THR A 218 -10.07 -16.18 7.07
C THR A 218 -8.99 -16.91 6.28
N ILE A 219 -7.98 -16.16 5.85
CA ILE A 219 -6.82 -16.75 5.20
C ILE A 219 -5.59 -16.43 6.03
N ASP A 220 -4.64 -17.36 6.02
CA ASP A 220 -3.34 -17.19 6.66
C ASP A 220 -2.36 -16.58 5.66
N ILE A 221 -1.59 -15.61 6.12
CA ILE A 221 -0.57 -14.94 5.32
C ILE A 221 0.74 -15.03 6.09
N LEU A 222 1.78 -15.53 5.44
CA LEU A 222 3.10 -15.64 6.04
C LEU A 222 4.00 -14.57 5.44
N VAL A 223 4.41 -13.61 6.25
CA VAL A 223 5.30 -12.55 5.81
C VAL A 223 6.70 -12.91 6.26
N TYR A 224 7.71 -12.38 5.55
CA TYR A 224 9.09 -12.75 5.81
C TYR A 224 9.96 -11.52 5.92
N ASP A 225 11.07 -11.68 6.64
CA ASP A 225 12.22 -10.76 6.61
C ASP A 225 11.75 -9.36 7.02
N ASN A 226 11.95 -8.33 6.19
CA ASN A 226 11.68 -6.96 6.58
C ASN A 226 10.23 -6.73 6.95
N HIS A 227 9.32 -7.52 6.36
CA HIS A 227 7.90 -7.35 6.68
C HIS A 227 7.58 -7.76 8.11
N VAL A 228 8.34 -8.72 8.66
CA VAL A 228 8.05 -9.24 10.00
C VAL A 228 7.85 -8.11 10.99
N HIS A 229 8.86 -7.25 11.14
CA HIS A 229 8.76 -6.13 12.07
C HIS A 229 7.45 -5.37 11.90
N VAL A 230 7.14 -4.99 10.65
CA VAL A 230 5.91 -4.23 10.39
C VAL A 230 4.69 -5.03 10.85
N ALA A 231 4.63 -6.31 10.48
CA ALA A 231 3.51 -7.15 10.88
C ALA A 231 3.40 -7.24 12.39
N ARG A 232 4.52 -7.08 13.11
CA ARG A 232 4.47 -7.16 14.56
C ARG A 232 3.82 -5.93 15.19
N SER A 233 3.78 -4.80 14.46
CA SER A 233 3.30 -3.54 14.99
C SER A 233 1.87 -3.23 14.57
N LEU A 234 1.16 -4.19 13.97
CA LEU A 234 -0.19 -4.00 13.49
C LEU A 234 -1.20 -4.26 14.60
N LYS A 235 -2.30 -3.51 14.58
CA LYS A 235 -3.35 -3.62 15.58
C LYS A 235 -4.48 -4.47 15.05
N VAL A 236 -4.86 -5.51 15.81
CA VAL A 236 -5.90 -6.42 15.37
C VAL A 236 -7.22 -5.67 15.21
N GLY A 237 -7.89 -5.90 14.08
CA GLY A 237 -9.10 -5.22 13.74
C GLY A 237 -8.93 -4.10 12.73
N SER A 238 -7.73 -3.53 12.64
CA SER A 238 -7.48 -2.48 11.67
C SER A 238 -7.57 -3.03 10.25
N PHE A 239 -7.70 -2.12 9.29
CA PHE A 239 -7.84 -2.47 7.89
C PHE A 239 -6.51 -2.26 7.18
N LEU A 240 -6.11 -3.26 6.40
CA LEU A 240 -4.79 -3.28 5.78
C LEU A 240 -4.90 -3.37 4.26
N ARG A 241 -3.87 -2.87 3.60
CA ARG A 241 -3.62 -3.12 2.19
C ARG A 241 -2.26 -3.78 2.08
N ILE A 242 -2.24 -5.01 1.58
CA ILE A 242 -1.02 -5.80 1.43
C ILE A 242 -0.72 -5.91 -0.04
N TYR A 243 0.42 -5.37 -0.44
CA TYR A 243 0.77 -5.22 -1.85
C TYR A 243 1.63 -6.37 -2.33
N SER A 244 1.33 -6.88 -3.52
CA SER A 244 2.14 -7.89 -4.20
C SER A 244 2.23 -9.16 -3.37
N LEU A 245 1.11 -9.54 -2.75
CA LEU A 245 0.98 -10.85 -2.14
C LEU A 245 1.02 -11.94 -3.21
N HIS A 246 1.62 -13.08 -2.87
CA HIS A 246 1.89 -14.15 -3.83
C HIS A 246 1.12 -15.40 -3.45
N THR A 247 0.30 -15.89 -4.37
CA THR A 247 -0.53 -17.06 -4.16
C THR A 247 0.06 -18.27 -4.88
N LYS A 248 0.15 -19.38 -4.16
CA LYS A 248 0.66 -20.64 -4.67
C LYS A 248 -0.34 -21.75 -4.33
N LEU A 249 -0.27 -22.86 -5.05
CA LEU A 249 -1.15 -23.99 -4.75
C LEU A 249 -0.38 -25.10 -4.06
N GLN A 250 -1.10 -25.87 -3.23
CA GLN A 250 -0.50 -26.80 -2.30
C GLN A 250 -1.27 -28.12 -2.34
N SER A 251 -0.53 -29.23 -2.31
CA SER A 251 -1.09 -30.56 -2.46
C SER A 251 -1.50 -31.19 -1.13
N MET A 252 -0.74 -30.94 -0.05
CA MET A 252 -1.02 -31.55 1.23
C MET A 252 -0.91 -30.50 2.33
N ASN A 253 -1.81 -30.59 3.32
CA ASN A 253 -1.97 -29.55 4.31
C ASN A 253 -0.96 -29.71 5.44
N SER A 254 -1.14 -28.93 6.51
CA SER A 254 -0.22 -29.00 7.65
C SER A 254 -0.38 -30.28 8.43
N GLU A 255 -1.57 -30.88 8.40
CA GLU A 255 -1.81 -32.15 9.08
C GLU A 255 -1.43 -33.36 8.24
N ASN A 256 -0.74 -33.15 7.12
CA ASN A 256 -0.30 -34.23 6.24
C ASN A 256 -1.46 -35.04 5.68
N GLN A 257 -2.55 -34.34 5.35
CA GLN A 257 -3.68 -34.91 4.64
C GLN A 257 -3.65 -34.44 3.19
N THR A 258 -4.29 -35.20 2.31
CA THR A 258 -4.31 -34.85 0.89
C THR A 258 -5.38 -33.78 0.68
N MET A 259 -4.98 -32.57 0.28
CA MET A 259 -5.92 -31.47 0.10
C MET A 259 -5.27 -30.30 -0.63
N LEU A 260 -5.99 -29.73 -1.61
CA LEU A 260 -5.51 -28.58 -2.37
C LEU A 260 -5.80 -27.29 -1.60
N SER A 261 -4.75 -26.52 -1.32
CA SER A 261 -4.85 -25.32 -0.51
C SER A 261 -4.12 -24.17 -1.18
N LEU A 262 -4.55 -22.96 -0.87
CA LEU A 262 -3.93 -21.75 -1.40
C LEU A 262 -3.02 -21.14 -0.34
N GLU A 263 -1.72 -21.08 -0.65
CA GLU A 263 -0.76 -20.42 0.21
C GLU A 263 -0.64 -18.96 -0.20
N PHE A 264 -0.55 -18.07 0.79
CA PHE A 264 -0.33 -16.65 0.59
C PHE A 264 0.99 -16.27 1.26
N HIS A 265 1.94 -15.79 0.47
CA HIS A 265 3.25 -15.37 0.95
C HIS A 265 3.45 -13.90 0.67
N LEU A 266 4.17 -13.23 1.58
CA LEU A 266 4.64 -11.86 1.37
C LEU A 266 6.15 -11.93 1.46
N HIS A 267 6.79 -12.16 0.31
CA HIS A 267 8.21 -12.46 0.29
C HIS A 267 9.04 -11.24 0.67
N GLY A 268 10.25 -11.51 1.14
CA GLY A 268 11.14 -10.44 1.55
C GLY A 268 11.47 -9.51 0.39
N GLY A 269 11.96 -8.32 0.75
CA GLY A 269 12.28 -7.31 -0.23
C GLY A 269 11.15 -6.31 -0.41
N THR A 270 11.44 -5.28 -1.21
CA THR A 270 10.51 -4.20 -1.46
C THR A 270 10.16 -4.01 -2.93
N SER A 271 10.64 -4.86 -3.82
CA SER A 271 10.31 -4.74 -5.24
C SER A 271 8.82 -4.97 -5.46
N TYR A 272 8.29 -4.36 -6.52
CA TYR A 272 6.87 -4.38 -6.85
C TYR A 272 6.00 -3.90 -5.70
N GLY A 273 6.58 -3.15 -4.77
CA GLY A 273 5.80 -2.58 -3.69
C GLY A 273 5.40 -3.54 -2.60
N ARG A 274 6.05 -4.70 -2.50
CA ARG A 274 5.73 -5.67 -1.46
C ARG A 274 5.81 -5.02 -0.08
N GLY A 275 4.68 -4.99 0.61
CA GLY A 275 4.62 -4.34 1.90
C GLY A 275 3.19 -4.26 2.38
N ILE A 276 3.03 -3.58 3.51
CA ILE A 276 1.74 -3.43 4.17
C ILE A 276 1.52 -1.96 4.49
N ARG A 277 0.30 -1.49 4.32
CA ARG A 277 -0.06 -0.15 4.76
C ARG A 277 -1.42 -0.17 5.44
N VAL A 278 -1.51 0.49 6.59
CA VAL A 278 -2.76 0.57 7.33
C VAL A 278 -3.63 1.65 6.71
N LEU A 279 -4.85 1.28 6.31
CA LEU A 279 -5.78 2.22 5.72
C LEU A 279 -6.71 2.79 6.78
N PRO A 280 -6.94 4.10 6.78
CA PRO A 280 -7.90 4.69 7.70
C PRO A 280 -9.33 4.37 7.27
N GLU A 281 -10.24 4.45 8.24
CA GLU A 281 -11.63 4.16 7.95
C GLU A 281 -12.28 5.24 7.07
N SER A 282 -11.63 6.39 6.91
CA SER A 282 -12.14 7.42 6.00
C SER A 282 -11.90 7.08 4.54
N ASN A 283 -11.20 5.98 4.25
CA ASN A 283 -10.95 5.56 2.89
C ASN A 283 -12.19 4.86 2.33
N SER A 284 -12.47 5.11 1.04
CA SER A 284 -13.70 4.59 0.44
C SER A 284 -13.61 3.10 0.18
N ASP A 285 -12.44 2.61 -0.24
CA ASP A 285 -12.25 1.17 -0.36
C ASP A 285 -12.51 0.47 0.96
N VAL A 286 -12.19 1.13 2.08
CA VAL A 286 -12.52 0.57 3.39
C VAL A 286 -14.02 0.54 3.61
N ASP A 287 -14.74 1.52 3.06
CA ASP A 287 -16.21 1.49 3.15
C ASP A 287 -16.78 0.30 2.40
N GLN A 288 -16.31 0.08 1.17
CA GLN A 288 -16.78 -1.08 0.43
C GLN A 288 -16.38 -2.39 1.13
N LEU A 289 -15.19 -2.41 1.71
CA LEU A 289 -14.76 -3.59 2.47
C LEU A 289 -15.65 -3.83 3.67
N LYS A 290 -16.06 -2.76 4.36
CA LYS A 290 -17.00 -2.90 5.47
C LYS A 290 -18.33 -3.47 4.99
N LYS A 291 -18.84 -2.94 3.87
CA LYS A 291 -20.08 -3.46 3.32
C LYS A 291 -19.97 -4.96 3.01
N ASP A 292 -18.81 -5.39 2.52
CA ASP A 292 -18.63 -6.81 2.24
C ASP A 292 -18.50 -7.62 3.53
N LEU A 293 -17.81 -7.08 4.53
CA LEU A 293 -17.64 -7.80 5.79
C LEU A 293 -18.96 -8.02 6.49
N GLU A 294 -19.85 -7.02 6.46
CA GLU A 294 -21.16 -7.17 7.07
C GLU A 294 -22.02 -8.12 6.25
N SER A 295 -22.02 -7.97 4.94
CA SER A 295 -22.79 -8.83 4.05
C SER A 295 -21.92 -10.00 3.59
N ALA A 296 -21.64 -10.89 4.54
CA ALA A 296 -20.81 -12.07 4.30
C ALA A 296 -21.63 -13.32 4.55
N ASN A 297 -21.41 -14.34 3.73
CA ASN A 297 -22.18 -15.58 3.83
C ASN A 297 -21.53 -16.47 4.89
N LEU A 298 -22.29 -16.80 5.93
CA LEU A 298 -21.80 -17.61 7.02
C LEU A 298 -22.97 -18.34 7.67
N THR A 299 -22.79 -19.64 7.90
CA THR A 299 -23.81 -20.44 8.59
C THR A 299 -23.23 -21.13 9.81
#